data_5E43
#
_entry.id   5E43
#
_cell.length_a   74.845
_cell.length_b   92.932
_cell.length_c   85.629
_cell.angle_alpha   90.00
_cell.angle_beta   90.00
_cell.angle_gamma   90.00
#
_symmetry.space_group_name_H-M   'C 2 2 21'
#
loop_
_entity.id
_entity.type
_entity.pdbx_description
1 polymer Beta-lactamase
2 non-polymer 'NITRATE ION'
3 non-polymer 'ACETATE ION'
4 water water
#
_entity_poly.entity_id   1
_entity_poly.type   'polypeptide(L)'
_entity_poly.pdbx_seq_one_letter_code
;SNAAPAATPLTATPTPAAAPATA(MSE)QAAPDGARARKELRTLEASFKGRIGAYAVDTATGKTITYRSGERFPLLSTFK
AIAAAAVLHKARTSDPGLLNKVVHWTTAELQEHSPVTGKHVKDG(MSE)TVARLCEAAITRSDNTAAN(MSE)LLKQIGG
PAGLTAYFHTLKDPVSRLDRWETELNNWSPKEKRDTTTPAS(MSE)GRDLRAVTTGDALDARDRERLNAWLTANKTGDAR
IRAGLPKTWTVGDKTGTNSKYGAGNDIAVVWPGKSAAPII(MSE)SIYTNRGAADAAVDDKVIADTAAILARALGKL
;
_entity_poly.pdbx_strand_id   A
#
# COMPACT_ATOMS: atom_id res chain seq x y z
N GLY A 30 -5.36 -2.68 -23.42
CA GLY A 30 -6.18 -2.56 -22.22
C GLY A 30 -7.59 -2.05 -22.49
N ALA A 31 -8.03 -2.15 -23.75
CA ALA A 31 -9.34 -1.62 -24.12
C ALA A 31 -10.47 -2.41 -23.49
N ARG A 32 -10.40 -3.74 -23.57
CA ARG A 32 -11.41 -4.56 -22.91
C ARG A 32 -11.43 -4.31 -21.41
N ALA A 33 -10.25 -4.22 -20.79
CA ALA A 33 -10.21 -3.99 -19.34
C ALA A 33 -10.81 -2.65 -18.98
N ARG A 34 -10.57 -1.61 -19.80
N ARG A 34 -10.55 -1.63 -19.80
CA ARG A 34 -11.13 -0.32 -19.46
CA ARG A 34 -11.12 -0.31 -19.54
C ARG A 34 -12.66 -0.35 -19.53
C ARG A 34 -12.64 -0.36 -19.54
N LYS A 35 -13.22 -1.08 -20.50
CA LYS A 35 -14.67 -1.20 -20.56
C LYS A 35 -15.21 -1.97 -19.36
N GLU A 36 -14.53 -3.04 -18.97
CA GLU A 36 -14.98 -3.81 -17.81
C GLU A 36 -14.92 -2.97 -16.54
N LEU A 37 -13.87 -2.15 -16.39
CA LEU A 37 -13.76 -1.31 -15.21
C LEU A 37 -14.77 -0.17 -15.23
N ARG A 38 -15.05 0.38 -16.41
CA ARG A 38 -16.06 1.41 -16.49
C ARG A 38 -17.42 0.86 -16.06
N THR A 39 -17.71 -0.39 -16.44
CA THR A 39 -18.96 -1.02 -16.08
C THR A 39 -19.00 -1.35 -14.59
N LEU A 40 -17.89 -1.85 -14.06
CA LEU A 40 -17.80 -2.13 -12.63
C LEU A 40 -17.97 -0.86 -11.83
N GLU A 41 -17.33 0.23 -12.28
CA GLU A 41 -17.47 1.53 -11.65
C GLU A 41 -18.92 1.97 -11.62
N ALA A 42 -19.62 1.80 -12.75
CA ALA A 42 -21.03 2.17 -12.80
C ALA A 42 -21.84 1.36 -11.79
N SER A 43 -21.47 0.09 -11.59
CA SER A 43 -22.26 -0.79 -10.76
C SER A 43 -22.26 -0.38 -9.30
N PHE A 44 -21.21 0.28 -8.80
CA PHE A 44 -21.22 0.72 -7.41
C PHE A 44 -21.26 2.24 -7.27
N LYS A 45 -21.45 2.96 -8.38
CA LYS A 45 -21.63 4.42 -8.37
C LYS A 45 -20.47 5.09 -7.67
N GLY A 46 -19.28 4.59 -7.89
CA GLY A 46 -18.09 5.13 -7.26
C GLY A 46 -17.03 5.46 -8.29
N ARG A 47 -15.79 5.44 -7.83
CA ARG A 47 -14.63 5.77 -8.64
C ARG A 47 -13.58 4.70 -8.41
N ILE A 48 -13.03 4.15 -9.49
CA ILE A 48 -11.94 3.17 -9.41
C ILE A 48 -10.71 3.75 -10.08
N GLY A 49 -9.58 3.74 -9.38
CA GLY A 49 -8.29 4.02 -9.96
C GLY A 49 -7.45 2.74 -9.92
N ALA A 50 -6.94 2.34 -11.09
CA ALA A 50 -6.28 1.06 -11.15
C ALA A 50 -5.05 1.13 -12.04
N TYR A 51 -4.01 0.43 -11.61
CA TYR A 51 -2.76 0.32 -12.36
C TYR A 51 -2.26 -1.10 -12.16
N ALA A 52 -1.84 -1.74 -13.23
CA ALA A 52 -1.15 -3.01 -13.10
C ALA A 52 -0.04 -3.04 -14.12
N VAL A 53 1.07 -3.67 -13.75
CA VAL A 53 2.21 -3.82 -14.66
C VAL A 53 2.75 -5.23 -14.56
N ASP A 54 3.06 -5.82 -15.72
CA ASP A 54 3.79 -7.07 -15.81
C ASP A 54 5.27 -6.74 -15.69
N THR A 55 5.96 -7.29 -14.68
CA THR A 55 7.35 -6.89 -14.50
C THR A 55 8.29 -7.48 -15.55
N ALA A 56 7.86 -8.46 -16.33
CA ALA A 56 8.70 -9.04 -17.37
C ALA A 56 8.51 -8.36 -18.73
N THR A 57 7.29 -7.95 -19.08
CA THR A 57 7.04 -7.34 -20.37
C THR A 57 6.99 -5.83 -20.30
N GLY A 58 6.76 -5.28 -19.11
CA GLY A 58 6.53 -3.86 -18.95
C GLY A 58 5.16 -3.39 -19.37
N LYS A 59 4.30 -4.29 -19.85
CA LYS A 59 2.96 -3.92 -20.26
C LYS A 59 2.16 -3.44 -19.05
N THR A 60 1.38 -2.38 -19.25
CA THR A 60 0.56 -1.86 -18.17
C THR A 60 -0.91 -1.87 -18.56
N ILE A 61 -1.76 -1.93 -17.52
CA ILE A 61 -3.20 -1.72 -17.63
C ILE A 61 -3.53 -0.57 -16.71
N THR A 62 -4.24 0.44 -17.24
CA THR A 62 -4.45 1.67 -16.49
C THR A 62 -5.90 2.13 -16.61
N TYR A 63 -6.46 2.59 -15.50
CA TYR A 63 -7.80 3.15 -15.51
C TYR A 63 -7.83 4.23 -14.44
N ARG A 64 -8.00 5.50 -14.85
CA ARG A 64 -7.86 6.62 -13.90
C ARG A 64 -6.54 6.54 -13.14
N SER A 65 -5.49 6.05 -13.83
CA SER A 65 -4.26 5.72 -13.10
C SER A 65 -3.47 6.94 -12.68
N GLY A 66 -3.78 8.11 -13.25
CA GLY A 66 -3.17 9.36 -12.83
C GLY A 66 -4.07 10.21 -11.99
N GLU A 67 -5.24 9.71 -11.59
CA GLU A 67 -6.12 10.50 -10.74
C GLU A 67 -5.67 10.42 -9.28
N ARG A 68 -6.14 11.38 -8.50
CA ARG A 68 -5.66 11.58 -7.13
C ARG A 68 -6.53 10.81 -6.14
N PHE A 69 -5.89 10.00 -5.30
CA PHE A 69 -6.56 9.22 -4.27
C PHE A 69 -5.74 9.34 -3.00
N PRO A 70 -6.37 9.16 -1.83
CA PRO A 70 -5.60 9.17 -0.58
C PRO A 70 -4.73 7.93 -0.44
N LEU A 71 -3.51 8.13 0.06
CA LEU A 71 -2.66 7.00 0.42
C LEU A 71 -3.34 6.10 1.44
N LEU A 72 -3.93 6.68 2.48
CA LEU A 72 -4.41 5.93 3.64
C LEU A 72 -3.26 5.01 4.08
N SER A 73 -3.57 3.82 4.59
CA SER A 73 -2.47 3.02 5.10
C SER A 73 -1.57 2.43 4.03
N THR A 74 -1.83 2.63 2.73
CA THR A 74 -0.92 2.03 1.77
C THR A 74 0.49 2.60 1.88
N PHE A 75 0.66 3.80 2.46
CA PHE A 75 2.01 4.34 2.57
C PHE A 75 2.90 3.49 3.47
N LYS A 76 2.30 2.70 4.37
CA LYS A 76 3.10 1.97 5.36
C LYS A 76 4.04 0.98 4.69
N ALA A 77 3.65 0.44 3.52
CA ALA A 77 4.57 -0.42 2.77
C ALA A 77 5.83 0.35 2.36
N ILE A 78 5.68 1.59 1.92
CA ILE A 78 6.82 2.35 1.46
C ILE A 78 7.61 2.89 2.65
N ALA A 79 6.92 3.20 3.77
CA ALA A 79 7.67 3.60 4.98
C ALA A 79 8.59 2.49 5.44
N ALA A 80 8.14 1.24 5.39
CA ALA A 80 9.02 0.13 5.79
C ALA A 80 10.20 0.02 4.84
N ALA A 81 9.95 0.22 3.55
CA ALA A 81 11.04 0.24 2.58
C ALA A 81 12.03 1.34 2.90
N ALA A 82 11.54 2.53 3.24
CA ALA A 82 12.44 3.63 3.55
C ALA A 82 13.30 3.28 4.76
N VAL A 83 12.71 2.62 5.75
CA VAL A 83 13.46 2.22 6.95
C VAL A 83 14.52 1.18 6.59
N LEU A 84 14.13 0.15 5.82
CA LEU A 84 15.11 -0.83 5.36
C LEU A 84 16.24 -0.18 4.59
N HIS A 85 15.91 0.75 3.68
CA HIS A 85 16.93 1.44 2.89
C HIS A 85 17.90 2.22 3.79
N LYS A 86 17.36 2.92 4.78
CA LYS A 86 18.19 3.70 5.68
C LYS A 86 19.10 2.79 6.50
N ALA A 87 18.56 1.68 7.03
CA ALA A 87 19.38 0.79 7.83
C ALA A 87 20.52 0.18 7.00
N ARG A 88 20.25 -0.10 5.73
CA ARG A 88 21.23 -0.76 4.88
C ARG A 88 22.34 0.19 4.44
N THR A 89 22.00 1.46 4.20
CA THR A 89 22.92 2.38 3.52
C THR A 89 23.52 3.46 4.40
N SER A 90 22.94 3.75 5.56
CA SER A 90 23.52 4.81 6.35
C SER A 90 23.42 4.62 7.86
N ASP A 91 22.60 3.68 8.33
CA ASP A 91 22.32 3.57 9.77
C ASP A 91 22.34 2.11 10.20
N PRO A 92 23.51 1.47 10.21
CA PRO A 92 23.60 0.09 10.68
C PRO A 92 23.07 -0.06 12.11
N GLY A 93 22.34 -1.16 12.33
CA GLY A 93 21.72 -1.40 13.61
C GLY A 93 20.34 -0.78 13.78
N LEU A 94 19.89 0.06 12.84
CA LEU A 94 18.59 0.68 12.98
C LEU A 94 17.48 -0.35 13.21
N LEU A 95 17.53 -1.48 12.50
CA LEU A 95 16.39 -2.41 12.61
C LEU A 95 16.31 -3.06 13.98
N ASN A 96 17.41 -3.08 14.72
CA ASN A 96 17.45 -3.69 16.04
C ASN A 96 17.25 -2.67 17.15
N LYS A 97 17.10 -1.40 16.81
CA LYS A 97 16.92 -0.35 17.80
C LYS A 97 15.56 -0.47 18.45
N VAL A 98 15.52 -0.37 19.80
CA VAL A 98 14.25 -0.44 20.52
C VAL A 98 13.65 0.94 20.60
N VAL A 99 12.35 1.01 20.32
CA VAL A 99 11.56 2.23 20.39
C VAL A 99 10.49 2.05 21.45
N HIS A 100 10.26 3.10 22.24
CA HIS A 100 9.21 3.13 23.25
C HIS A 100 8.19 4.22 22.91
N TRP A 101 6.98 4.04 23.43
CA TRP A 101 5.92 5.05 23.37
C TRP A 101 5.19 5.05 24.70
N THR A 102 4.55 6.18 25.02
CA THR A 102 3.67 6.24 26.17
C THR A 102 2.30 5.72 25.79
N THR A 103 1.45 5.45 26.79
N THR A 103 1.46 5.45 26.79
CA THR A 103 0.06 5.11 26.49
CA THR A 103 0.08 5.12 26.46
C THR A 103 -0.65 6.28 25.82
C THR A 103 -0.61 6.28 25.76
N ALA A 104 -0.27 7.52 26.13
CA ALA A 104 -0.95 8.67 25.55
C ALA A 104 -0.64 8.83 24.06
N GLU A 105 0.48 8.26 23.59
CA GLU A 105 0.86 8.30 22.19
C GLU A 105 0.14 7.24 21.35
N LEU A 106 -0.64 6.36 21.96
CA LEU A 106 -1.26 5.29 21.18
C LEU A 106 -2.35 5.86 20.29
N GLN A 107 -2.33 5.45 19.01
CA GLN A 107 -3.33 5.79 18.02
C GLN A 107 -4.42 4.73 17.94
N GLU A 108 -5.59 5.15 17.45
CA GLU A 108 -6.60 4.20 17.02
C GLU A 108 -5.97 3.10 16.18
N HIS A 109 -6.48 1.87 16.34
CA HIS A 109 -5.95 0.68 15.68
C HIS A 109 -4.44 0.51 15.92
N SER A 110 -4.10 0.17 17.16
CA SER A 110 -2.73 -0.17 17.54
C SER A 110 -2.73 -1.55 18.19
N PRO A 111 -3.12 -2.59 17.46
CA PRO A 111 -3.30 -3.91 18.10
C PRO A 111 -2.01 -4.52 18.61
N VAL A 112 -0.87 -4.21 17.98
CA VAL A 112 0.41 -4.76 18.44
C VAL A 112 1.10 -3.81 19.40
N THR A 113 1.26 -2.54 19.01
CA THR A 113 1.94 -1.60 19.90
C THR A 113 1.17 -1.39 21.20
N GLY A 114 -0.17 -1.52 21.17
CA GLY A 114 -0.94 -1.41 22.38
C GLY A 114 -0.59 -2.46 23.42
N LYS A 115 0.04 -3.56 22.99
CA LYS A 115 0.41 -4.64 23.88
C LYS A 115 1.85 -4.56 24.36
N HIS A 116 2.62 -3.55 23.94
CA HIS A 116 4.04 -3.45 24.25
C HIS A 116 4.41 -2.05 24.76
N VAL A 117 3.52 -1.41 25.51
CA VAL A 117 3.83 -0.08 26.03
C VAL A 117 5.01 -0.14 26.98
N LYS A 118 5.06 -1.17 27.84
CA LYS A 118 6.11 -1.17 28.85
C LYS A 118 7.47 -1.53 28.25
N ASP A 119 7.50 -2.50 27.35
CA ASP A 119 8.78 -3.06 26.89
C ASP A 119 9.25 -2.48 25.55
N GLY A 120 8.38 -1.79 24.80
CA GLY A 120 8.77 -1.28 23.49
C GLY A 120 8.91 -2.41 22.48
N THR A 122 11.41 -3.50 18.68
CA THR A 122 12.45 -3.13 17.72
C THR A 122 11.83 -2.49 16.48
N VAL A 123 12.64 -1.71 15.77
CA VAL A 123 12.19 -1.09 14.53
C VAL A 123 11.75 -2.15 13.52
N ALA A 124 12.45 -3.28 13.47
CA ALA A 124 12.04 -4.37 12.58
C ALA A 124 10.65 -4.86 12.93
N ARG A 125 10.38 -5.07 14.22
CA ARG A 125 9.04 -5.53 14.61
C ARG A 125 7.99 -4.46 14.35
N LEU A 126 8.36 -3.18 14.47
CA LEU A 126 7.41 -2.14 14.14
C LEU A 126 7.10 -2.14 12.65
N CYS A 127 8.08 -2.47 11.80
CA CYS A 127 7.78 -2.67 10.37
C CYS A 127 6.75 -3.78 10.19
N GLU A 128 6.95 -4.92 10.85
CA GLU A 128 6.03 -6.04 10.72
C GLU A 128 4.62 -5.63 11.14
N ALA A 129 4.52 -4.94 12.28
CA ALA A 129 3.22 -4.53 12.78
C ALA A 129 2.55 -3.51 11.86
N ALA A 130 3.31 -2.54 11.36
CA ALA A 130 2.74 -1.52 10.49
C ALA A 130 2.20 -2.13 9.21
N ILE A 131 2.90 -3.13 8.68
CA ILE A 131 2.46 -3.75 7.42
C ILE A 131 1.37 -4.78 7.68
N THR A 132 1.61 -5.76 8.55
CA THR A 132 0.72 -6.92 8.59
C THR A 132 -0.55 -6.68 9.40
N ARG A 133 -0.54 -5.72 10.31
CA ARG A 133 -1.72 -5.38 11.09
C ARG A 133 -2.14 -3.92 10.90
N SER A 134 -1.45 -3.19 10.04
CA SER A 134 -1.76 -1.77 9.77
C SER A 134 -1.71 -0.95 11.05
N ASP A 135 -0.79 -1.30 11.95
CA ASP A 135 -0.74 -0.71 13.28
C ASP A 135 -0.36 0.77 13.18
N ASN A 136 -1.24 1.66 13.65
CA ASN A 136 -1.02 3.08 13.40
C ASN A 136 0.08 3.67 14.28
N THR A 137 0.17 3.26 15.55
CA THR A 137 1.29 3.76 16.36
C THR A 137 2.60 3.26 15.79
N ALA A 138 2.65 2.00 15.35
CA ALA A 138 3.87 1.48 14.74
C ALA A 138 4.27 2.33 13.55
N ALA A 139 3.29 2.73 12.73
CA ALA A 139 3.62 3.52 11.56
C ALA A 139 4.18 4.89 11.95
N ASN A 140 3.62 5.51 12.99
CA ASN A 140 4.20 6.77 13.45
C ASN A 140 5.62 6.56 13.95
N LEU A 142 7.69 4.38 12.78
CA LEU A 142 8.53 4.26 11.59
C LEU A 142 8.83 5.62 10.98
N LEU A 143 7.81 6.49 10.91
CA LEU A 143 8.04 7.86 10.42
C LEU A 143 9.08 8.59 11.26
N LYS A 144 9.09 8.36 12.57
CA LYS A 144 10.11 8.98 13.42
C LYS A 144 11.52 8.53 13.09
N GLN A 145 11.67 7.43 12.36
CA GLN A 145 13.02 6.99 12.00
C GLN A 145 13.52 7.58 10.69
N ILE A 146 12.66 8.25 9.91
CA ILE A 146 13.07 8.65 8.56
C ILE A 146 12.80 10.13 8.31
N GLY A 147 12.59 10.91 9.36
CA GLY A 147 12.35 12.33 9.19
C GLY A 147 10.91 12.73 9.08
N GLY A 148 9.97 11.86 9.48
CA GLY A 148 8.57 12.22 9.54
C GLY A 148 7.95 12.17 8.16
N PRO A 149 6.73 12.69 8.03
CA PRO A 149 6.07 12.74 6.70
C PRO A 149 6.92 13.38 5.62
N ALA A 150 7.62 14.48 5.96
CA ALA A 150 8.52 15.10 4.99
C ALA A 150 9.63 14.14 4.54
N GLY A 151 10.13 13.34 5.48
CA GLY A 151 11.18 12.40 5.13
C GLY A 151 10.67 11.26 4.27
N LEU A 152 9.44 10.81 4.50
CA LEU A 152 8.87 9.81 3.59
C LEU A 152 8.70 10.40 2.21
N THR A 153 8.26 11.66 2.13
CA THR A 153 8.13 12.30 0.82
C THR A 153 9.49 12.38 0.11
N ALA A 154 10.56 12.66 0.87
CA ALA A 154 11.89 12.64 0.27
C ALA A 154 12.22 11.25 -0.28
N TYR A 155 11.82 10.20 0.46
CA TYR A 155 12.08 8.84 -0.03
C TYR A 155 11.29 8.54 -1.30
N PHE A 156 10.04 9.01 -1.37
CA PHE A 156 9.30 8.91 -2.62
C PHE A 156 10.11 9.49 -3.76
N HIS A 157 10.76 10.64 -3.53
CA HIS A 157 11.58 11.22 -4.58
C HIS A 157 12.74 10.31 -4.97
N THR A 158 13.36 9.62 -4.01
CA THR A 158 14.45 8.72 -4.39
C THR A 158 13.97 7.58 -5.27
N LEU A 159 12.69 7.25 -5.21
CA LEU A 159 12.09 6.25 -6.10
C LEU A 159 11.65 6.85 -7.42
N LYS A 160 11.99 8.11 -7.67
CA LYS A 160 11.59 8.84 -8.88
C LYS A 160 10.08 9.05 -8.91
N ASP A 161 9.50 9.24 -7.73
CA ASP A 161 8.07 9.54 -7.62
C ASP A 161 7.93 10.96 -7.08
N PRO A 162 7.74 11.95 -7.93
CA PRO A 162 7.55 13.33 -7.47
C PRO A 162 6.11 13.68 -7.16
N VAL A 163 5.22 12.68 -7.21
CA VAL A 163 3.79 12.91 -7.07
C VAL A 163 3.32 12.60 -5.65
N SER A 164 3.60 11.40 -5.17
CA SER A 164 3.10 10.98 -3.87
C SER A 164 3.72 11.83 -2.76
N ARG A 165 2.91 12.27 -1.80
N ARG A 165 2.89 12.24 -1.82
CA ARG A 165 3.43 13.14 -0.75
CA ARG A 165 3.29 13.13 -0.74
C ARG A 165 2.68 12.88 0.54
C ARG A 165 2.64 12.63 0.54
N LEU A 166 3.41 12.60 1.62
CA LEU A 166 2.83 12.44 2.93
C LEU A 166 3.05 13.75 3.68
N ASP A 167 1.96 14.31 4.20
CA ASP A 167 1.96 15.61 4.85
C ASP A 167 1.69 15.53 6.34
N ARG A 168 0.93 14.52 6.77
CA ARG A 168 0.46 14.42 8.14
C ARG A 168 0.85 13.07 8.72
N TRP A 169 0.82 12.99 10.06
CA TRP A 169 1.05 11.76 10.79
C TRP A 169 -0.24 10.95 10.90
N GLU A 170 -0.13 9.72 11.40
CA GLU A 170 -1.35 9.00 11.78
C GLU A 170 -1.97 9.70 12.99
N THR A 171 -3.30 9.89 13.04
CA THR A 171 -4.23 9.38 12.05
C THR A 171 -4.81 10.47 11.17
N GLU A 172 -4.35 11.71 11.34
CA GLU A 172 -4.90 12.80 10.54
C GLU A 172 -4.71 12.58 9.03
N LEU A 173 -3.69 11.82 8.64
CA LEU A 173 -3.44 11.60 7.22
C LEU A 173 -4.59 10.87 6.55
N ASN A 174 -5.42 10.19 7.32
CA ASN A 174 -6.53 9.46 6.71
C ASN A 174 -7.73 10.33 6.35
N ASN A 175 -7.72 11.60 6.69
CA ASN A 175 -8.91 12.45 6.56
C ASN A 175 -8.98 13.04 5.15
N TRP A 176 -9.55 12.25 4.24
CA TRP A 176 -9.59 12.61 2.83
C TRP A 176 -11.01 12.92 2.37
N SER A 177 -11.11 13.87 1.45
CA SER A 177 -12.35 14.18 0.75
C SER A 177 -11.96 14.52 -0.69
N PRO A 178 -12.90 14.58 -1.64
CA PRO A 178 -12.52 14.74 -3.05
C PRO A 178 -11.57 15.90 -3.35
N LYS A 179 -11.64 17.03 -2.63
CA LYS A 179 -10.75 18.16 -2.89
C LYS A 179 -9.42 18.09 -2.15
N GLU A 180 -9.23 17.11 -1.28
CA GLU A 180 -8.05 17.08 -0.44
C GLU A 180 -6.83 16.69 -1.26
N LYS A 181 -5.75 17.47 -1.15
CA LYS A 181 -4.52 17.16 -1.86
C LYS A 181 -3.42 16.62 -0.97
N ARG A 182 -3.54 16.76 0.34
CA ARG A 182 -2.55 16.23 1.27
C ARG A 182 -2.65 14.71 1.35
N ASP A 183 -1.51 14.05 1.56
CA ASP A 183 -1.45 12.61 1.81
C ASP A 183 -2.06 11.79 0.68
N THR A 184 -1.80 12.21 -0.55
CA THR A 184 -2.38 11.55 -1.72
C THR A 184 -1.29 10.97 -2.63
N THR A 185 -1.74 10.08 -3.51
CA THR A 185 -0.90 9.42 -4.51
C THR A 185 -1.76 9.26 -5.77
N THR A 186 -1.26 8.52 -6.74
CA THR A 186 -2.07 8.06 -7.86
C THR A 186 -1.84 6.56 -7.96
N PRO A 187 -2.78 5.82 -8.55
CA PRO A 187 -2.53 4.37 -8.70
C PRO A 187 -1.21 4.07 -9.40
N ALA A 188 -0.89 4.81 -10.46
CA ALA A 188 0.35 4.52 -11.19
C ALA A 188 1.58 4.89 -10.38
N SER A 189 1.53 6.02 -9.67
CA SER A 189 2.71 6.43 -8.89
C SER A 189 3.04 5.37 -7.85
N GLY A 191 1.99 2.30 -7.80
CA GLY A 191 2.33 1.05 -8.48
C GLY A 191 3.81 0.98 -8.87
N ARG A 192 4.32 2.07 -9.44
CA ARG A 192 5.73 2.12 -9.80
C ARG A 192 6.62 2.04 -8.56
N ASP A 193 6.22 2.69 -7.46
CA ASP A 193 6.98 2.63 -6.21
C ASP A 193 7.02 1.21 -5.65
N LEU A 194 5.85 0.57 -5.56
CA LEU A 194 5.83 -0.78 -5.04
C LEU A 194 6.63 -1.72 -5.94
N ARG A 195 6.56 -1.53 -7.27
CA ARG A 195 7.38 -2.35 -8.16
C ARG A 195 8.86 -2.20 -7.82
N ALA A 196 9.30 -0.97 -7.59
CA ALA A 196 10.72 -0.71 -7.36
C ALA A 196 11.21 -1.41 -6.10
N VAL A 197 10.41 -1.36 -5.03
CA VAL A 197 10.90 -1.90 -3.76
C VAL A 197 10.65 -3.40 -3.63
N THR A 198 9.63 -3.96 -4.28
CA THR A 198 9.40 -5.40 -4.14
C THR A 198 10.05 -6.24 -5.23
N THR A 199 10.32 -5.66 -6.41
CA THR A 199 10.85 -6.44 -7.52
C THR A 199 12.02 -5.76 -8.23
N GLY A 200 12.19 -4.46 -8.09
CA GLY A 200 13.25 -3.74 -8.75
C GLY A 200 14.47 -3.62 -7.88
N ASP A 201 15.27 -2.58 -8.12
CA ASP A 201 16.56 -2.49 -7.43
C ASP A 201 16.62 -1.37 -6.39
N ALA A 202 15.46 -0.90 -5.89
CA ALA A 202 15.47 0.11 -4.84
C ALA A 202 16.06 -0.42 -3.54
N LEU A 203 15.87 -1.71 -3.26
CA LEU A 203 16.39 -2.33 -2.04
C LEU A 203 17.42 -3.41 -2.39
N ASP A 204 18.31 -3.67 -1.42
CA ASP A 204 19.15 -4.87 -1.37
C ASP A 204 18.28 -6.12 -1.44
N ALA A 205 18.82 -7.21 -2.03
CA ALA A 205 18.02 -8.43 -2.19
C ALA A 205 17.52 -8.95 -0.84
N ARG A 206 18.36 -8.84 0.20
CA ARG A 206 17.95 -9.26 1.53
C ARG A 206 16.79 -8.43 2.06
N ASP A 207 16.83 -7.12 1.80
CA ASP A 207 15.77 -6.24 2.30
C ASP A 207 14.51 -6.41 1.47
N ARG A 208 14.66 -6.64 0.16
CA ARG A 208 13.52 -6.91 -0.70
C ARG A 208 12.79 -8.16 -0.23
N GLU A 209 13.54 -9.21 0.08
CA GLU A 209 12.94 -10.44 0.57
C GLU A 209 12.26 -10.22 1.92
N ARG A 210 12.86 -9.42 2.79
CA ARG A 210 12.21 -9.15 4.08
C ARG A 210 10.92 -8.36 3.90
N LEU A 211 10.93 -7.33 3.04
CA LEU A 211 9.72 -6.57 2.79
C LEU A 211 8.62 -7.47 2.21
N ASN A 212 8.97 -8.30 1.23
CA ASN A 212 7.96 -9.17 0.61
C ASN A 212 7.42 -10.19 1.60
N ALA A 213 8.25 -10.66 2.53
CA ALA A 213 7.75 -11.59 3.53
C ALA A 213 6.72 -10.92 4.45
N TRP A 214 6.92 -9.64 4.80
CA TRP A 214 5.90 -8.94 5.55
C TRP A 214 4.62 -8.77 4.74
N LEU A 215 4.75 -8.36 3.47
CA LEU A 215 3.57 -8.15 2.65
C LEU A 215 2.79 -9.45 2.46
N THR A 216 3.49 -10.56 2.28
CA THR A 216 2.75 -11.82 2.09
C THR A 216 2.14 -12.32 3.40
N ALA A 217 2.58 -11.80 4.54
CA ALA A 217 2.02 -12.18 5.83
C ALA A 217 0.91 -11.24 6.26
N ASN A 218 0.49 -10.32 5.38
CA ASN A 218 -0.50 -9.33 5.77
C ASN A 218 -1.79 -9.99 6.21
N LYS A 219 -2.38 -9.47 7.28
CA LYS A 219 -3.60 -10.05 7.83
C LYS A 219 -4.86 -9.28 7.46
N THR A 220 -4.74 -8.14 6.77
CA THR A 220 -5.86 -7.21 6.62
C THR A 220 -6.48 -7.20 5.23
N GLY A 221 -6.00 -8.01 4.29
CA GLY A 221 -6.46 -7.90 2.91
C GLY A 221 -7.24 -9.07 2.34
N ASP A 222 -7.87 -9.88 3.20
CA ASP A 222 -8.44 -11.13 2.70
C ASP A 222 -9.62 -10.93 1.76
N ALA A 223 -10.29 -9.78 1.79
CA ALA A 223 -11.47 -9.59 0.97
C ALA A 223 -11.20 -8.74 -0.27
N ARG A 224 -9.94 -8.37 -0.51
CA ARG A 224 -9.63 -7.48 -1.62
C ARG A 224 -8.83 -8.22 -2.69
N ILE A 225 -7.60 -7.81 -2.97
CA ILE A 225 -6.86 -8.42 -4.08
C ILE A 225 -6.79 -9.93 -3.91
N ARG A 226 -6.45 -10.40 -2.71
CA ARG A 226 -6.33 -11.85 -2.49
C ARG A 226 -7.61 -12.57 -2.85
N ALA A 227 -8.76 -11.96 -2.55
CA ALA A 227 -10.01 -12.66 -2.79
C ALA A 227 -10.32 -12.77 -4.27
N GLY A 228 -9.85 -11.81 -5.06
CA GLY A 228 -10.11 -11.79 -6.48
C GLY A 228 -9.23 -12.69 -7.32
N LEU A 229 -8.14 -13.20 -6.77
CA LEU A 229 -7.15 -13.96 -7.52
C LEU A 229 -7.09 -15.39 -7.02
N PRO A 230 -6.59 -16.33 -7.83
CA PRO A 230 -6.53 -17.73 -7.39
C PRO A 230 -5.82 -17.89 -6.06
N LYS A 231 -6.35 -18.77 -5.21
CA LYS A 231 -5.82 -18.92 -3.86
C LYS A 231 -4.40 -19.47 -3.85
N THR A 232 -4.01 -20.18 -4.91
CA THR A 232 -2.67 -20.74 -4.96
C THR A 232 -1.60 -19.69 -5.28
N TRP A 233 -1.99 -18.52 -5.77
CA TRP A 233 -1.01 -17.48 -6.06
C TRP A 233 -0.44 -16.89 -4.77
N THR A 234 0.79 -16.39 -4.85
CA THR A 234 1.38 -15.66 -3.73
C THR A 234 1.07 -14.18 -3.90
N VAL A 235 0.44 -13.57 -2.89
CA VAL A 235 0.03 -12.17 -2.93
C VAL A 235 0.60 -11.48 -1.70
N GLY A 236 1.41 -10.44 -1.92
CA GLY A 236 1.85 -9.59 -0.80
C GLY A 236 1.18 -8.24 -0.96
N ASP A 237 0.39 -7.81 0.01
CA ASP A 237 -0.44 -6.65 -0.24
C ASP A 237 -0.44 -5.74 0.97
N LYS A 238 -0.86 -4.49 0.74
CA LYS A 238 -1.11 -3.53 1.82
C LYS A 238 -2.39 -2.78 1.53
N THR A 239 -3.33 -2.80 2.48
CA THR A 239 -4.63 -2.16 2.33
C THR A 239 -4.59 -0.72 2.85
N GLY A 240 -5.63 0.04 2.50
CA GLY A 240 -5.92 1.29 3.17
C GLY A 240 -7.42 1.44 3.19
N THR A 241 -7.98 2.03 4.25
CA THR A 241 -9.44 2.12 4.39
C THR A 241 -9.77 3.39 5.15
N ASN A 242 -10.77 4.13 4.68
CA ASN A 242 -11.34 5.20 5.50
C ASN A 242 -12.83 5.24 5.25
N SER A 243 -13.61 5.29 6.33
CA SER A 243 -15.06 5.20 6.19
C SER A 243 -15.63 6.33 5.35
N LYS A 244 -15.09 7.54 5.48
CA LYS A 244 -15.66 8.67 4.78
C LYS A 244 -15.42 8.54 3.28
N TYR A 245 -16.50 8.68 2.51
CA TYR A 245 -16.51 8.42 1.07
C TYR A 245 -16.13 7.00 0.73
N GLY A 246 -16.28 6.08 1.69
CA GLY A 246 -15.98 4.68 1.41
C GLY A 246 -14.66 4.45 0.69
N ALA A 247 -13.58 5.03 1.21
CA ALA A 247 -12.30 4.96 0.53
C ALA A 247 -11.65 3.62 0.85
N GLY A 248 -11.33 2.85 -0.18
CA GLY A 248 -10.75 1.54 0.04
C GLY A 248 -9.66 1.29 -0.99
N ASN A 249 -8.48 0.90 -0.52
CA ASN A 249 -7.31 0.73 -1.38
C ASN A 249 -6.70 -0.65 -1.14
N ASP A 250 -5.97 -1.16 -2.15
CA ASP A 250 -5.14 -2.33 -1.94
C ASP A 250 -4.05 -2.28 -3.00
N ILE A 251 -2.80 -2.45 -2.59
CA ILE A 251 -1.69 -2.53 -3.53
C ILE A 251 -0.98 -3.84 -3.28
N ALA A 252 -0.46 -4.48 -4.33
CA ALA A 252 0.10 -5.80 -4.12
C ALA A 252 1.20 -6.10 -5.12
N VAL A 253 2.12 -6.96 -4.70
CA VAL A 253 2.97 -7.72 -5.60
C VAL A 253 2.42 -9.14 -5.63
N VAL A 254 2.29 -9.71 -6.83
CA VAL A 254 1.57 -10.96 -7.04
C VAL A 254 2.43 -11.86 -7.89
N TRP A 255 2.69 -13.07 -7.41
CA TRP A 255 3.35 -14.05 -8.24
C TRP A 255 2.29 -15.01 -8.74
N PRO A 256 1.93 -14.96 -10.07
CA PRO A 256 0.78 -15.71 -10.59
C PRO A 256 1.13 -17.15 -10.93
N GLY A 257 1.61 -17.87 -9.95
CA GLY A 257 1.97 -19.27 -10.17
C GLY A 257 3.16 -19.65 -9.32
N LYS A 258 3.38 -20.97 -9.25
CA LYS A 258 4.55 -21.51 -8.57
C LYS A 258 5.82 -20.80 -9.00
N SER A 259 5.96 -20.56 -10.30
CA SER A 259 7.17 -20.01 -10.89
C SER A 259 6.69 -19.09 -12.01
N ALA A 260 6.55 -17.82 -11.69
CA ALA A 260 6.09 -16.84 -12.66
C ALA A 260 6.69 -15.49 -12.32
N ALA A 261 6.98 -14.71 -13.36
CA ALA A 261 7.38 -13.33 -13.14
C ALA A 261 6.24 -12.57 -12.44
N PRO A 262 6.55 -11.72 -11.49
CA PRO A 262 5.47 -11.09 -10.72
C PRO A 262 4.80 -9.96 -11.49
N ILE A 263 3.59 -9.65 -11.07
CA ILE A 263 2.90 -8.46 -11.52
C ILE A 263 2.63 -7.60 -10.30
N ILE A 264 2.49 -6.30 -10.55
N ILE A 264 2.52 -6.29 -10.52
CA ILE A 264 2.21 -5.31 -9.51
CA ILE A 264 2.21 -5.33 -9.46
C ILE A 264 0.81 -4.78 -9.76
C ILE A 264 0.84 -4.75 -9.75
N SER A 266 -2.15 -1.89 -8.18
CA SER A 266 -2.33 -0.73 -7.33
C SER A 266 -3.76 -0.23 -7.56
N ILE A 267 -4.64 -0.43 -6.58
CA ILE A 267 -6.09 -0.19 -6.75
C ILE A 267 -6.52 0.78 -5.65
N TYR A 268 -7.10 1.90 -6.04
CA TYR A 268 -7.64 2.92 -5.13
C TYR A 268 -9.09 3.16 -5.51
N THR A 269 -9.98 3.19 -4.51
CA THR A 269 -11.40 3.38 -4.80
C THR A 269 -12.04 4.34 -3.80
N ASN A 270 -13.12 4.99 -4.24
CA ASN A 270 -13.95 5.72 -3.29
C ASN A 270 -15.38 5.78 -3.84
N ARG A 271 -16.28 6.18 -2.98
CA ARG A 271 -17.68 6.31 -3.38
C ARG A 271 -18.03 7.76 -3.65
N GLY A 272 -19.22 7.97 -4.20
CA GLY A 272 -19.70 9.31 -4.48
C GLY A 272 -20.45 9.98 -3.36
N ALA A 273 -20.54 9.36 -2.20
CA ALA A 273 -21.27 9.88 -1.06
C ALA A 273 -20.42 9.69 0.19
N ALA A 274 -20.39 10.73 1.04
CA ALA A 274 -19.56 10.68 2.24
C ALA A 274 -19.89 9.49 3.11
N ASP A 275 -21.18 9.14 3.21
CA ASP A 275 -21.63 8.08 4.12
C ASP A 275 -21.70 6.70 3.46
N ALA A 276 -21.23 6.55 2.22
CA ALA A 276 -21.31 5.26 1.54
C ALA A 276 -20.28 4.27 2.10
N ALA A 277 -20.50 3.00 1.81
CA ALA A 277 -19.68 1.92 2.35
C ALA A 277 -18.44 1.66 1.51
N VAL A 278 -17.35 1.23 2.17
CA VAL A 278 -16.21 0.67 1.46
C VAL A 278 -16.63 -0.61 0.77
N ASP A 279 -16.22 -0.78 -0.49
CA ASP A 279 -16.72 -1.89 -1.31
C ASP A 279 -15.55 -2.83 -1.63
N ASP A 280 -15.34 -3.82 -0.75
CA ASP A 280 -14.23 -4.77 -0.93
C ASP A 280 -14.38 -5.57 -2.21
N LYS A 281 -15.63 -5.94 -2.55
CA LYS A 281 -15.87 -6.79 -3.71
C LYS A 281 -15.45 -6.11 -4.99
N VAL A 282 -15.62 -4.78 -5.07
CA VAL A 282 -15.18 -4.04 -6.24
C VAL A 282 -13.66 -4.13 -6.38
N ILE A 283 -12.94 -4.08 -5.26
CA ILE A 283 -11.48 -4.19 -5.34
C ILE A 283 -11.08 -5.59 -5.77
N ALA A 284 -11.77 -6.61 -5.26
CA ALA A 284 -11.44 -7.97 -5.68
C ALA A 284 -11.75 -8.18 -7.17
N ASP A 285 -12.87 -7.65 -7.64
CA ASP A 285 -13.21 -7.80 -9.05
C ASP A 285 -12.23 -7.03 -9.92
N THR A 286 -11.79 -5.86 -9.47
CA THR A 286 -10.79 -5.11 -10.20
C THR A 286 -9.51 -5.93 -10.35
N ALA A 287 -9.07 -6.58 -9.27
CA ALA A 287 -7.86 -7.40 -9.34
C ALA A 287 -7.99 -8.49 -10.41
N ALA A 288 -9.14 -9.16 -10.46
CA ALA A 288 -9.31 -10.22 -11.45
C ALA A 288 -9.27 -9.66 -12.86
N ILE A 289 -9.91 -8.51 -13.08
CA ILE A 289 -9.87 -7.86 -14.38
C ILE A 289 -8.42 -7.57 -14.78
N LEU A 290 -7.64 -7.01 -13.85
CA LEU A 290 -6.25 -6.66 -14.15
C LEU A 290 -5.42 -7.89 -14.50
N ALA A 291 -5.57 -8.98 -13.72
CA ALA A 291 -4.82 -10.20 -14.00
C ALA A 291 -5.20 -10.80 -15.34
N ARG A 292 -6.50 -10.77 -15.69
CA ARG A 292 -6.91 -11.29 -17.00
C ARG A 292 -6.35 -10.43 -18.12
N ALA A 293 -6.40 -9.10 -17.95
CA ALA A 293 -5.92 -8.21 -19.00
C ALA A 293 -4.43 -8.37 -19.23
N LEU A 294 -3.67 -8.73 -18.21
CA LEU A 294 -2.25 -8.98 -18.39
C LEU A 294 -1.97 -10.41 -18.84
N GLY A 295 -3.00 -11.21 -19.11
CA GLY A 295 -2.78 -12.53 -19.66
C GLY A 295 -2.34 -13.57 -18.64
N LYS A 296 -2.47 -13.28 -17.34
CA LYS A 296 -2.03 -14.19 -16.30
C LYS A 296 -3.15 -15.04 -15.73
N LEU A 297 -4.39 -14.70 -16.03
CA LEU A 297 -5.56 -15.37 -15.46
C LEU A 297 -6.54 -15.67 -16.58
#